data_2OKZ
# 
_entry.id   2OKZ 
# 
_audit_conform.dict_name       mmcif_pdbx.dic 
_audit_conform.dict_version    5.389 
_audit_conform.dict_location   http://mmcif.pdb.org/dictionaries/ascii/mmcif_pdbx.dic 
# 
loop_
_database_2.database_id 
_database_2.database_code 
_database_2.pdbx_database_accession 
_database_2.pdbx_DOI 
PDB   2OKZ         pdb_00002okz 10.2210/pdb2okz/pdb 
RCSB  RCSB041266   ?            ?                   
WWPDB D_1000041266 ?            ?                   
# 
loop_
_pdbx_audit_revision_history.ordinal 
_pdbx_audit_revision_history.data_content_type 
_pdbx_audit_revision_history.major_revision 
_pdbx_audit_revision_history.minor_revision 
_pdbx_audit_revision_history.revision_date 
1 'Structure model' 1 0 2007-01-30 
2 'Structure model' 1 1 2008-05-01 
3 'Structure model' 1 2 2011-07-13 
4 'Structure model' 1 3 2017-10-18 
5 'Structure model' 1 4 2023-12-27 
6 'Structure model' 1 5 2024-04-03 
# 
_pdbx_audit_revision_details.ordinal             1 
_pdbx_audit_revision_details.revision_ordinal    1 
_pdbx_audit_revision_details.data_content_type   'Structure model' 
_pdbx_audit_revision_details.provider            repository 
_pdbx_audit_revision_details.type                'Initial release' 
_pdbx_audit_revision_details.description         ? 
_pdbx_audit_revision_details.details             ? 
# 
loop_
_pdbx_audit_revision_group.ordinal 
_pdbx_audit_revision_group.revision_ordinal 
_pdbx_audit_revision_group.data_content_type 
_pdbx_audit_revision_group.group 
1 2 'Structure model' 'Version format compliance' 
2 3 'Structure model' 'Version format compliance' 
3 4 'Structure model' 'Refinement description'    
4 5 'Structure model' 'Data collection'           
5 5 'Structure model' 'Database references'       
6 6 'Structure model' 'Refinement description'    
# 
loop_
_pdbx_audit_revision_category.ordinal 
_pdbx_audit_revision_category.revision_ordinal 
_pdbx_audit_revision_category.data_content_type 
_pdbx_audit_revision_category.category 
1 4 'Structure model' software                      
2 5 'Structure model' chem_comp_atom                
3 5 'Structure model' chem_comp_bond                
4 5 'Structure model' database_2                    
5 6 'Structure model' pdbx_initial_refinement_model 
# 
loop_
_pdbx_audit_revision_item.ordinal 
_pdbx_audit_revision_item.revision_ordinal 
_pdbx_audit_revision_item.data_content_type 
_pdbx_audit_revision_item.item 
1 5 'Structure model' '_database_2.pdbx_DOI'                
2 5 'Structure model' '_database_2.pdbx_database_accession' 
# 
_pdbx_database_status.entry_id                        2OKZ 
_pdbx_database_status.deposit_site                    RCSB 
_pdbx_database_status.process_site                    RCSB 
_pdbx_database_status.recvd_initial_deposition_date   2007-01-18 
_pdbx_database_status.status_code                     REL 
_pdbx_database_status.status_code_sf                  REL 
_pdbx_database_status.status_code_mr                  ? 
_pdbx_database_status.SG_entry                        ? 
_pdbx_database_status.pdb_format_compatible           Y 
_pdbx_database_status.status_code_cs                  ? 
_pdbx_database_status.methods_development_category    ? 
_pdbx_database_status.status_code_nmr_data            ? 
# 
_pdbx_database_related.db_name        PDB 
_pdbx_database_related.db_id          2OL9 
_pdbx_database_related.details        . 
_pdbx_database_related.content_type   unspecified 
# 
loop_
_audit_author.name 
_audit_author.pdbx_ordinal 
'Sawaya, M.R.'    1 
'Sambashivan, S.' 2 
'Eisenberg, D.'   3 
# 
_citation.id                        primary 
_citation.title                     'Atomic structures of amyloid cross-beta spines reveal varied steric zippers.' 
_citation.journal_abbrev            Nature 
_citation.journal_volume            447 
_citation.page_first                453 
_citation.page_last                 457 
_citation.year                      2007 
_citation.journal_id_ASTM           NATUAS 
_citation.country                   UK 
_citation.journal_id_ISSN           0028-0836 
_citation.journal_id_CSD            0006 
_citation.book_publisher            ? 
_citation.pdbx_database_id_PubMed   17468747 
_citation.pdbx_database_id_DOI      10.1038/nature05695 
# 
loop_
_citation_author.citation_id 
_citation_author.name 
_citation_author.ordinal 
_citation_author.identifier_ORCID 
primary 'Sawaya, M.R.'    1  ? 
primary 'Sambashivan, S.' 2  ? 
primary 'Nelson, R.'      3  ? 
primary 'Ivanova, M.I.'   4  ? 
primary 'Sievers, S.A.'   5  ? 
primary 'Apostol, M.I.'   6  ? 
primary 'Thompson, M.J.'  7  ? 
primary 'Balbirnie, M.'   8  ? 
primary 'Wiltzius, J.J.'  9  ? 
primary 'McFarlane, H.T.' 10 ? 
primary 'Madsen, A.O.'    11 ? 
primary 'Riekel, C.'      12 ? 
primary 'Eisenberg, D.'   13 ? 
# 
_entity.id                         1 
_entity.type                       polymer 
_entity.src_method                 syn 
_entity.pdbx_description           
;peptide from Alzheimer's A-beta
;
_entity.formula_weight             560.707 
_entity.pdbx_number_of_molecules   2 
_entity.pdbx_ec                    ? 
_entity.pdbx_mutation              ? 
_entity.pdbx_fragment              'residues 35-40' 
_entity.details                    ? 
# 
_entity_poly.entity_id                      1 
_entity_poly.type                           'polypeptide(L)' 
_entity_poly.nstd_linkage                   no 
_entity_poly.nstd_monomer                   no 
_entity_poly.pdbx_seq_one_letter_code       MVGGVV 
_entity_poly.pdbx_seq_one_letter_code_can   MVGGVV 
_entity_poly.pdbx_strand_id                 A,B 
_entity_poly.pdbx_target_identifier         ? 
# 
loop_
_entity_poly_seq.entity_id 
_entity_poly_seq.num 
_entity_poly_seq.mon_id 
_entity_poly_seq.hetero 
1 1 MET n 
1 2 VAL n 
1 3 GLY n 
1 4 GLY n 
1 5 VAL n 
1 6 VAL n 
# 
_pdbx_entity_src_syn.entity_id              1 
_pdbx_entity_src_syn.pdbx_src_id            1 
_pdbx_entity_src_syn.pdbx_alt_source_flag   sample 
_pdbx_entity_src_syn.pdbx_beg_seq_num       ? 
_pdbx_entity_src_syn.pdbx_end_seq_num       ? 
_pdbx_entity_src_syn.organism_scientific    ? 
_pdbx_entity_src_syn.organism_common_name   ? 
_pdbx_entity_src_syn.ncbi_taxonomy_id       ? 
_pdbx_entity_src_syn.details                'This sequence corresponds to residues 35-40 of human A-beta peptide' 
# 
loop_
_chem_comp.id 
_chem_comp.type 
_chem_comp.mon_nstd_flag 
_chem_comp.name 
_chem_comp.pdbx_synonyms 
_chem_comp.formula 
_chem_comp.formula_weight 
GLY 'peptide linking'   y GLYCINE    ? 'C2 H5 N O2'    75.067  
MET 'L-peptide linking' y METHIONINE ? 'C5 H11 N O2 S' 149.211 
VAL 'L-peptide linking' y VALINE     ? 'C5 H11 N O2'   117.146 
# 
loop_
_pdbx_poly_seq_scheme.asym_id 
_pdbx_poly_seq_scheme.entity_id 
_pdbx_poly_seq_scheme.seq_id 
_pdbx_poly_seq_scheme.mon_id 
_pdbx_poly_seq_scheme.ndb_seq_num 
_pdbx_poly_seq_scheme.pdb_seq_num 
_pdbx_poly_seq_scheme.auth_seq_num 
_pdbx_poly_seq_scheme.pdb_mon_id 
_pdbx_poly_seq_scheme.auth_mon_id 
_pdbx_poly_seq_scheme.pdb_strand_id 
_pdbx_poly_seq_scheme.pdb_ins_code 
_pdbx_poly_seq_scheme.hetero 
A 1 1 MET 1 1 1 MET MET A . n 
A 1 2 VAL 2 2 2 VAL VAL A . n 
A 1 3 GLY 3 3 3 GLY GLY A . n 
A 1 4 GLY 4 4 4 GLY GLY A . n 
A 1 5 VAL 5 5 5 VAL VAL A . n 
A 1 6 VAL 6 6 6 VAL VAL A . n 
B 1 1 MET 1 1 1 MET MET B . n 
B 1 2 VAL 2 2 2 VAL VAL B . n 
B 1 3 GLY 3 3 3 GLY GLY B . n 
B 1 4 GLY 4 4 4 GLY GLY B . n 
B 1 5 VAL 5 5 5 VAL VAL B . n 
B 1 6 VAL 6 6 6 VAL VAL B . n 
# 
loop_
_software.name 
_software.version 
_software.date 
_software.type 
_software.contact_author 
_software.contact_author_email 
_software.classification 
_software.location 
_software.language 
_software.citation_id 
_software.pdbx_ordinal 
DENZO       .     ?                package 'Zbyszek Otwinowski' zbyszek@mix.swmed.edu       'data reduction'  
http://www.lnls.br/infra/linhasluz/denzo-hkl.htm ?          ? 1 
SCALEPACK   .     ?                package 'Zbyszek Otwinowski' zbyszek@mix.swmed.edu       'data scaling'    
http://www.lnls.br/infra/linhasluz/denzo-hkl.htm ?          ? 2 
PHASER      .     ?                other   'R. J. Read'         cimr-phaser@lists.cam.ac.uk phasing           
http://www-structmed.cimr.cam.ac.uk/phaser/      ?          ? 3 
REFMAC      .     ?                program 'Murshudov, G.N.'    ccp4@dl.ac.uk               refinement        
http://www.ccp4.ac.uk/main.html                  Fortran_77 ? 4 
PDB_EXTRACT 2.000 'April. 3, 2006' package PDB                  sw-help@rcsb.rutgers.edu    'data extraction' 
http://pdb.rutgers.edu/software/                 C++        ? 5 
# 
_cell.length_a           15.148 
_cell.length_b           9.576 
_cell.length_c           23.732 
_cell.angle_alpha        90.000 
_cell.angle_beta         96.900 
_cell.angle_gamma        90.000 
_cell.entry_id           2OKZ 
_cell.pdbx_unique_axis   ? 
_cell.Z_PDB              4 
_cell.length_a_esd       ? 
_cell.length_b_esd       ? 
_cell.length_c_esd       ? 
_cell.angle_alpha_esd    ? 
_cell.angle_beta_esd     ? 
_cell.angle_gamma_esd    ? 
# 
_symmetry.space_group_name_H-M             'P 1 21 1' 
_symmetry.entry_id                         2OKZ 
_symmetry.Int_Tables_number                4 
_symmetry.pdbx_full_space_group_name_H-M   ? 
_symmetry.cell_setting                     ? 
_symmetry.space_group_name_Hall            ? 
# 
_exptl.crystals_number   1 
_exptl.entry_id          2OKZ 
_exptl.method            'X-RAY DIFFRACTION' 
# 
_exptl_crystal.id                    1 
_exptl_crystal.density_Matthews      ? 
_exptl_crystal.density_meas          ? 
_exptl_crystal.density_percent_sol   ? 
_exptl_crystal.description           ? 
_exptl_crystal.F_000                 ? 
_exptl_crystal.preparation           ? 
# 
_exptl_crystal_grow.crystal_id      1 
_exptl_crystal_grow.method          'VAPOR DIFFUSION, HANGING DROP' 
_exptl_crystal_grow.pH              4.6 
_exptl_crystal_grow.temp            298 
_exptl_crystal_grow.temp_details    ? 
_exptl_crystal_grow.pdbx_details    
'0.2 M CaCl2, 20% isopropanol, 0.1 M Na acetate, pH 4.6, VAPOR DIFFUSION, HANGING DROP, temperature 298K' 
_exptl_crystal_grow.pdbx_pH_range   . 
# 
_diffrn.id                     1 
_diffrn.ambient_temp           100 
_diffrn.ambient_temp_details   ? 
_diffrn.crystal_id             1 
# 
_diffrn_detector.diffrn_id              1 
_diffrn_detector.detector               CCD 
_diffrn_detector.type                   'MAR CCD 165 mm' 
_diffrn_detector.pdbx_collection_date   2005-07-16 
_diffrn_detector.details                ? 
# 
_diffrn_radiation.diffrn_id                        1 
_diffrn_radiation.wavelength_id                    1 
_diffrn_radiation.pdbx_diffrn_protocol             'SINGLE WAVELENGTH' 
_diffrn_radiation.monochromator                    'channel-cut Si-111 monochromator and an ellipsoidal mirror' 
_diffrn_radiation.pdbx_monochromatic_or_laue_m_l   M 
_diffrn_radiation.pdbx_scattering_type             x-ray 
# 
_diffrn_radiation_wavelength.id           1 
_diffrn_radiation_wavelength.wavelength   0.94660 
_diffrn_radiation_wavelength.wt           1.0 
# 
_diffrn_source.diffrn_id                   1 
_diffrn_source.source                      SYNCHROTRON 
_diffrn_source.type                        'ESRF BEAMLINE ID13' 
_diffrn_source.pdbx_wavelength             0.94660 
_diffrn_source.pdbx_wavelength_list        ? 
_diffrn_source.pdbx_synchrotron_site       ESRF 
_diffrn_source.pdbx_synchrotron_beamline   ID13 
# 
_reflns.entry_id                     2OKZ 
_reflns.d_resolution_high            1.800 
_reflns.d_resolution_low             90.000 
_reflns.number_obs                   650 
_reflns.pdbx_Rmerge_I_obs            0.158 
_reflns.pdbx_netI_over_sigmaI        4.200 
_reflns.pdbx_chi_squared             1.073 
_reflns.pdbx_redundancy              2.900 
_reflns.percent_possible_obs         95.300 
_reflns.observed_criterion_sigma_F   ? 
_reflns.observed_criterion_sigma_I   -3 
_reflns.number_all                   650 
_reflns.pdbx_Rsym_value              ? 
_reflns.B_iso_Wilson_estimate        26.0 
_reflns.R_free_details               ? 
_reflns.limit_h_max                  ? 
_reflns.limit_h_min                  ? 
_reflns.limit_k_max                  ? 
_reflns.limit_k_min                  ? 
_reflns.limit_l_max                  ? 
_reflns.limit_l_min                  ? 
_reflns.observed_criterion_F_max     ? 
_reflns.observed_criterion_F_min     ? 
_reflns.pdbx_scaling_rejects         ? 
_reflns.pdbx_diffrn_id               1 
_reflns.pdbx_ordinal                 1 
# 
_reflns_shell.d_res_high             1.80 
_reflns_shell.d_res_low              1.94 
_reflns_shell.number_measured_obs    ? 
_reflns_shell.number_measured_all    ? 
_reflns_shell.number_unique_obs      ? 
_reflns_shell.Rmerge_I_obs           0.447 
_reflns_shell.meanI_over_sigI_obs    ? 
_reflns_shell.pdbx_Rsym_value        ? 
_reflns_shell.pdbx_chi_squared       1.082 
_reflns_shell.pdbx_redundancy        2.60 
_reflns_shell.percent_possible_obs   ? 
_reflns_shell.number_unique_all      123 
_reflns_shell.percent_possible_all   89.80 
_reflns_shell.pdbx_diffrn_id         ? 
_reflns_shell.pdbx_ordinal           1 
# 
_refine.entry_id                                 2OKZ 
_refine.ls_d_res_high                            1.800 
_refine.ls_d_res_low                             23.560 
_refine.pdbx_ls_sigma_F                          0.00 
_refine.ls_percent_reflns_obs                    93.100 
_refine.ls_number_reflns_obs                     648 
_refine.pdbx_ls_cross_valid_method               THROUGHOUT 
_refine.pdbx_R_Free_selection_details            RANDOM 
_refine.details                                  'HYDROGENS HAVE BEEN ADDED IN THE RIDING POSITIONS' 
_refine.ls_R_factor_obs                          0.217 
_refine.ls_R_factor_R_work                       0.213 
_refine.ls_R_factor_R_free                       0.267 
_refine.ls_percent_reflns_R_free                 5.400 
_refine.ls_number_reflns_R_free                  35 
_refine.B_iso_mean                               11.768 
_refine.aniso_B[1][1]                            0.680 
_refine.aniso_B[2][2]                            -1.770 
_refine.aniso_B[3][3]                            1.040 
_refine.aniso_B[1][2]                            0.000 
_refine.aniso_B[1][3]                            -0.240 
_refine.aniso_B[2][3]                            0.000 
_refine.correlation_coeff_Fo_to_Fc               0.950 
_refine.correlation_coeff_Fo_to_Fc_free          0.925 
_refine.pdbx_overall_ESU_R                       0.198 
_refine.pdbx_overall_ESU_R_Free                  0.177 
_refine.overall_SU_ML                            0.078 
_refine.overall_SU_B                             2.396 
_refine.solvent_model_details                    MASK 
_refine.pdbx_solvent_vdw_probe_radii             1.400 
_refine.pdbx_solvent_ion_probe_radii             0.800 
_refine.pdbx_solvent_shrinkage_radii             0.800 
_refine.pdbx_stereochemistry_target_values       'MAXIMUM LIKELIHOOD' 
_refine.pdbx_ls_sigma_I                          ? 
_refine.ls_number_reflns_all                     ? 
_refine.ls_R_factor_all                          ? 
_refine.ls_redundancy_reflns_obs                 ? 
_refine.pdbx_data_cutoff_high_absF               ? 
_refine.pdbx_data_cutoff_low_absF                ? 
_refine.ls_number_parameters                     ? 
_refine.ls_number_restraints                     ? 
_refine.ls_R_factor_R_free_error                 ? 
_refine.ls_R_factor_R_free_error_details         ? 
_refine.pdbx_method_to_determine_struct          'MOLECULAR REPLACEMENT' 
_refine.pdbx_starting_model                      'MVGGVV from space group P1' 
_refine.pdbx_stereochem_target_val_spec_case     ? 
_refine.solvent_model_param_bsol                 ? 
_refine.solvent_model_param_ksol                 ? 
_refine.occupancy_max                            ? 
_refine.occupancy_min                            ? 
_refine.pdbx_isotropic_thermal_model             ? 
_refine.B_iso_min                                ? 
_refine.B_iso_max                                ? 
_refine.overall_SU_R_Cruickshank_DPI             ? 
_refine.overall_SU_R_free                        ? 
_refine.pdbx_data_cutoff_high_rms_absF           ? 
_refine.ls_wR_factor_R_free                      ? 
_refine.ls_wR_factor_R_work                      ? 
_refine.overall_FOM_free_R_set                   ? 
_refine.overall_FOM_work_R_set                   ? 
_refine.pdbx_refine_id                           'X-RAY DIFFRACTION' 
_refine.pdbx_diffrn_id                           1 
_refine.pdbx_TLS_residual_ADP_flag               ? 
_refine.pdbx_overall_phase_error                 ? 
_refine.pdbx_overall_SU_R_free_Cruickshank_DPI   ? 
_refine.pdbx_overall_SU_R_Blow_DPI               ? 
_refine.pdbx_overall_SU_R_free_Blow_DPI          ? 
# 
_refine_hist.pdbx_refine_id                   'X-RAY DIFFRACTION' 
_refine_hist.cycle_id                         LAST 
_refine_hist.pdbx_number_atoms_protein        76 
_refine_hist.pdbx_number_atoms_nucleic_acid   0 
_refine_hist.pdbx_number_atoms_ligand         0 
_refine_hist.number_atoms_solvent             0 
_refine_hist.number_atoms_total               76 
_refine_hist.d_res_high                       1.800 
_refine_hist.d_res_low                        23.560 
# 
loop_
_refine_ls_restr.type 
_refine_ls_restr.number 
_refine_ls_restr.dev_ideal 
_refine_ls_restr.dev_ideal_target 
_refine_ls_restr.weight 
_refine_ls_restr.pdbx_refine_id 
_refine_ls_restr.pdbx_restraint_function 
r_bond_refined_d         74  0.017  0.023  ? 'X-RAY DIFFRACTION' ? 
r_bond_other_d           40  0.001  0.020  ? 'X-RAY DIFFRACTION' ? 
r_angle_refined_deg      98  1.685  2.057  ? 'X-RAY DIFFRACTION' ? 
r_angle_other_deg        102 0.633  3.000  ? 'X-RAY DIFFRACTION' ? 
r_dihedral_angle_1_deg   10  4.554  5.000  ? 'X-RAY DIFFRACTION' ? 
r_dihedral_angle_3_deg   12  15.503 15.000 ? 'X-RAY DIFFRACTION' ? 
r_chiral_restr           14  0.087  0.200  ? 'X-RAY DIFFRACTION' ? 
r_gen_planes_refined     78  0.004  0.020  ? 'X-RAY DIFFRACTION' ? 
r_gen_planes_other       10  0.000  0.020  ? 'X-RAY DIFFRACTION' ? 
r_nbd_refined            6   0.146  0.200  ? 'X-RAY DIFFRACTION' ? 
r_nbd_other              26  0.204  0.200  ? 'X-RAY DIFFRACTION' ? 
r_nbtor_refined          34  0.142  0.200  ? 'X-RAY DIFFRACTION' ? 
r_nbtor_other            50  0.095  0.200  ? 'X-RAY DIFFRACTION' ? 
r_symmetry_vdw_refined   4   0.299  0.200  ? 'X-RAY DIFFRACTION' ? 
r_symmetry_vdw_other     11  0.252  0.200  ? 'X-RAY DIFFRACTION' ? 
r_symmetry_hbond_refined 1   0.093  0.200  ? 'X-RAY DIFFRACTION' ? 
r_mcbond_it              67  6.037  2.000  ? 'X-RAY DIFFRACTION' ? 
r_mcbond_other           26  2.150  2.000  ? 'X-RAY DIFFRACTION' ? 
r_mcangle_it             88  5.903  3.000  ? 'X-RAY DIFFRACTION' ? 
r_scbond_it              18  5.729  2.000  ? 'X-RAY DIFFRACTION' ? 
r_scangle_it             10  7.162  3.000  ? 'X-RAY DIFFRACTION' ? 
# 
_refine_ls_shell.d_res_high                       1.800 
_refine_ls_shell.d_res_low                        1.847 
_refine_ls_shell.pdbx_total_number_of_bins_used   20 
_refine_ls_shell.percent_reflns_obs               52.080 
_refine_ls_shell.number_reflns_R_work             24 
_refine_ls_shell.R_factor_all                     ? 
_refine_ls_shell.R_factor_R_work                  0.163 
_refine_ls_shell.R_factor_R_free                  0.138 
_refine_ls_shell.percent_reflns_R_free            ? 
_refine_ls_shell.number_reflns_R_free             1 
_refine_ls_shell.R_factor_R_free_error            ? 
_refine_ls_shell.number_reflns_all                ? 
_refine_ls_shell.number_reflns_obs                25 
_refine_ls_shell.redundancy_reflns_obs            ? 
_refine_ls_shell.pdbx_refine_id                   'X-RAY DIFFRACTION' 
# 
_struct.entry_id                  2OKZ 
_struct.title                     
;MVGGVV peptide derived from Alzheimer's A-beta
;
_struct.pdbx_model_details        ? 
_struct.pdbx_CASP_flag            ? 
_struct.pdbx_model_type_details   ? 
# 
_struct_keywords.entry_id        2OKZ 
_struct_keywords.pdbx_keywords   'PROTEIN FIBRIL' 
_struct_keywords.text            'steric zipper, PROTEIN FIBRIL' 
# 
loop_
_struct_asym.id 
_struct_asym.pdbx_blank_PDB_chainid_flag 
_struct_asym.pdbx_modified 
_struct_asym.entity_id 
_struct_asym.details 
A N N 1 ? 
B N N 1 ? 
# 
_struct_ref.id                         1 
_struct_ref.entity_id                  1 
_struct_ref.db_name                    PDB 
_struct_ref.db_code                    2OKZ 
_struct_ref.pdbx_db_accession          2OKZ 
_struct_ref.pdbx_db_isoform            ? 
_struct_ref.pdbx_seq_one_letter_code   ? 
_struct_ref.pdbx_align_begin           ? 
# 
loop_
_struct_ref_seq.align_id 
_struct_ref_seq.ref_id 
_struct_ref_seq.pdbx_PDB_id_code 
_struct_ref_seq.pdbx_strand_id 
_struct_ref_seq.seq_align_beg 
_struct_ref_seq.pdbx_seq_align_beg_ins_code 
_struct_ref_seq.seq_align_end 
_struct_ref_seq.pdbx_seq_align_end_ins_code 
_struct_ref_seq.pdbx_db_accession 
_struct_ref_seq.db_align_beg 
_struct_ref_seq.pdbx_db_align_beg_ins_code 
_struct_ref_seq.db_align_end 
_struct_ref_seq.pdbx_db_align_end_ins_code 
_struct_ref_seq.pdbx_auth_seq_align_beg 
_struct_ref_seq.pdbx_auth_seq_align_end 
1 1 2OKZ A 1 ? 6 ? 2OKZ 1 ? 6 ? 1 6 
2 1 2OKZ B 1 ? 6 ? 2OKZ 1 ? 6 ? 1 6 
# 
_pdbx_struct_assembly.id                   1 
_pdbx_struct_assembly.details              author_defined_assembly 
_pdbx_struct_assembly.method_details       ? 
_pdbx_struct_assembly.oligomeric_details   tetrameric 
_pdbx_struct_assembly.oligomeric_count     4 
# 
loop_
_pdbx_struct_assembly_gen.assembly_id 
_pdbx_struct_assembly_gen.oper_expression 
_pdbx_struct_assembly_gen.asym_id_list 
1 1 A   
1 3 B   
1 2 A,B 
# 
loop_
_pdbx_struct_oper_list.id 
_pdbx_struct_oper_list.type 
_pdbx_struct_oper_list.name 
_pdbx_struct_oper_list.symmetry_operation 
_pdbx_struct_oper_list.matrix[1][1] 
_pdbx_struct_oper_list.matrix[1][2] 
_pdbx_struct_oper_list.matrix[1][3] 
_pdbx_struct_oper_list.vector[1] 
_pdbx_struct_oper_list.matrix[2][1] 
_pdbx_struct_oper_list.matrix[2][2] 
_pdbx_struct_oper_list.matrix[2][3] 
_pdbx_struct_oper_list.vector[2] 
_pdbx_struct_oper_list.matrix[3][1] 
_pdbx_struct_oper_list.matrix[3][2] 
_pdbx_struct_oper_list.matrix[3][3] 
_pdbx_struct_oper_list.vector[3] 
1 'crystal symmetry operation' 2_555 -x,y+1/2,-z   -0.1558974530 -0.0432150191 0.9868274653 -1.8104652531 -0.0432150191 -0.9977875462 -0.0505220224 10.0417371845 0.9868274653 -0.0505220224 0.1536849993 8.2924991623  
2 'identity operation'         1_555 x,y,z         1.0000000000  0.0000000000  0.0000000000 0.0000000000  0.0000000000  1.0000000000  0.0000000000  0.0000000000  0.0000000000 0.0000000000  1.0000000000 0.0000000000  
3 'crystal symmetry operation' 2_556 -x,y+1/2,-z+1 -0.1558974530 -0.0432150191 0.9868274653 7.6364886571  -0.0432150191 -0.9977875462 -0.0505220224 -9.8042982595 0.9868274653 -0.0505220224 0.1536849993 -0.6572361955 
# 
loop_
_chem_comp_atom.comp_id 
_chem_comp_atom.atom_id 
_chem_comp_atom.type_symbol 
_chem_comp_atom.pdbx_aromatic_flag 
_chem_comp_atom.pdbx_stereo_config 
_chem_comp_atom.pdbx_ordinal 
GLY N    N N N 1  
GLY CA   C N N 2  
GLY C    C N N 3  
GLY O    O N N 4  
GLY OXT  O N N 5  
GLY H    H N N 6  
GLY H2   H N N 7  
GLY HA2  H N N 8  
GLY HA3  H N N 9  
GLY HXT  H N N 10 
MET N    N N N 11 
MET CA   C N S 12 
MET C    C N N 13 
MET O    O N N 14 
MET CB   C N N 15 
MET CG   C N N 16 
MET SD   S N N 17 
MET CE   C N N 18 
MET OXT  O N N 19 
MET H    H N N 20 
MET H2   H N N 21 
MET HA   H N N 22 
MET HB2  H N N 23 
MET HB3  H N N 24 
MET HG2  H N N 25 
MET HG3  H N N 26 
MET HE1  H N N 27 
MET HE2  H N N 28 
MET HE3  H N N 29 
MET HXT  H N N 30 
VAL N    N N N 31 
VAL CA   C N S 32 
VAL C    C N N 33 
VAL O    O N N 34 
VAL CB   C N N 35 
VAL CG1  C N N 36 
VAL CG2  C N N 37 
VAL OXT  O N N 38 
VAL H    H N N 39 
VAL H2   H N N 40 
VAL HA   H N N 41 
VAL HB   H N N 42 
VAL HG11 H N N 43 
VAL HG12 H N N 44 
VAL HG13 H N N 45 
VAL HG21 H N N 46 
VAL HG22 H N N 47 
VAL HG23 H N N 48 
VAL HXT  H N N 49 
# 
loop_
_chem_comp_bond.comp_id 
_chem_comp_bond.atom_id_1 
_chem_comp_bond.atom_id_2 
_chem_comp_bond.value_order 
_chem_comp_bond.pdbx_aromatic_flag 
_chem_comp_bond.pdbx_stereo_config 
_chem_comp_bond.pdbx_ordinal 
GLY N   CA   sing N N 1  
GLY N   H    sing N N 2  
GLY N   H2   sing N N 3  
GLY CA  C    sing N N 4  
GLY CA  HA2  sing N N 5  
GLY CA  HA3  sing N N 6  
GLY C   O    doub N N 7  
GLY C   OXT  sing N N 8  
GLY OXT HXT  sing N N 9  
MET N   CA   sing N N 10 
MET N   H    sing N N 11 
MET N   H2   sing N N 12 
MET CA  C    sing N N 13 
MET CA  CB   sing N N 14 
MET CA  HA   sing N N 15 
MET C   O    doub N N 16 
MET C   OXT  sing N N 17 
MET CB  CG   sing N N 18 
MET CB  HB2  sing N N 19 
MET CB  HB3  sing N N 20 
MET CG  SD   sing N N 21 
MET CG  HG2  sing N N 22 
MET CG  HG3  sing N N 23 
MET SD  CE   sing N N 24 
MET CE  HE1  sing N N 25 
MET CE  HE2  sing N N 26 
MET CE  HE3  sing N N 27 
MET OXT HXT  sing N N 28 
VAL N   CA   sing N N 29 
VAL N   H    sing N N 30 
VAL N   H2   sing N N 31 
VAL CA  C    sing N N 32 
VAL CA  CB   sing N N 33 
VAL CA  HA   sing N N 34 
VAL C   O    doub N N 35 
VAL C   OXT  sing N N 36 
VAL CB  CG1  sing N N 37 
VAL CB  CG2  sing N N 38 
VAL CB  HB   sing N N 39 
VAL CG1 HG11 sing N N 40 
VAL CG1 HG12 sing N N 41 
VAL CG1 HG13 sing N N 42 
VAL CG2 HG21 sing N N 43 
VAL CG2 HG22 sing N N 44 
VAL CG2 HG23 sing N N 45 
VAL OXT HXT  sing N N 46 
# 
_pdbx_initial_refinement_model.accession_code   ? 
_pdbx_initial_refinement_model.id               1 
_pdbx_initial_refinement_model.entity_id_list   ? 
_pdbx_initial_refinement_model.type             'experimental model' 
_pdbx_initial_refinement_model.source_name      Other 
_pdbx_initial_refinement_model.details          'MVGGVV from space group P1' 
# 
_atom_sites.entry_id                    2OKZ 
_atom_sites.fract_transf_matrix[1][1]   0.04306920 
_atom_sites.fract_transf_matrix[1][2]   0.03639453 
_atom_sites.fract_transf_matrix[1][3]   -0.03524631 
_atom_sites.fract_transf_matrix[2][1]   0.06784214 
_atom_sites.fract_transf_matrix[2][2]   -0.00347327 
_atom_sites.fract_transf_matrix[2][3]   0.07931322 
_atom_sites.fract_transf_matrix[3][1]   0.02007629 
_atom_sites.fract_transf_matrix[3][2]   -0.03244688 
_atom_sites.fract_transf_matrix[3][3]   -0.01859357 
_atom_sites.fract_transf_vector[1]      0.002396 
_atom_sites.fract_transf_vector[2]      -0.191338 
_atom_sites.fract_transf_vector[3]      0.258179 
# 
loop_
_atom_type.symbol 
C 
N 
O 
S 
# 
loop_
_atom_site.group_PDB 
_atom_site.id 
_atom_site.type_symbol 
_atom_site.label_atom_id 
_atom_site.label_alt_id 
_atom_site.label_comp_id 
_atom_site.label_asym_id 
_atom_site.label_entity_id 
_atom_site.label_seq_id 
_atom_site.pdbx_PDB_ins_code 
_atom_site.Cartn_x 
_atom_site.Cartn_y 
_atom_site.Cartn_z 
_atom_site.occupancy 
_atom_site.B_iso_or_equiv 
_atom_site.pdbx_formal_charge 
_atom_site.auth_seq_id 
_atom_site.auth_comp_id 
_atom_site.auth_asym_id 
_atom_site.auth_atom_id 
_atom_site.pdbx_PDB_model_num 
ATOM 1  N N   . MET A 1 1 ? -0.162 14.351  2.161  1.00 21.48 ? 1 MET A N   1 
ATOM 2  C CA  . MET A 1 1 ? -0.554 13.261  3.093  1.00 24.02 ? 1 MET A CA  1 
ATOM 3  C C   . MET A 1 1 ? -0.775 12.017  2.276  1.00 8.69  ? 1 MET A C   1 
ATOM 4  O O   . MET A 1 1 ? -1.402 12.064  1.216  1.00 17.20 ? 1 MET A O   1 
ATOM 5  C CB  . MET A 1 1 ? -1.853 13.582  3.806  1.00 19.41 ? 1 MET A CB  1 
ATOM 6  C CG  . MET A 1 1 ? -1.776 14.604  4.855  1.00 30.39 ? 1 MET A CG  1 
ATOM 7  S SD  . MET A 1 1 ? -3.261 15.608  4.761  1.00 32.04 ? 1 MET A SD  1 
ATOM 8  C CE  . MET A 1 1 ? -2.945 16.573  3.284  1.00 34.96 ? 1 MET A CE  1 
ATOM 9  N N   . VAL A 1 2 ? -0.272 10.912  2.792  1.00 16.38 ? 2 VAL A N   1 
ATOM 10 C CA  . VAL A 1 2 ? -0.398 9.636   2.132  1.00 10.92 ? 2 VAL A CA  1 
ATOM 11 C C   . VAL A 1 2 ? -0.532 8.559   3.180  1.00 7.22  ? 2 VAL A C   1 
ATOM 12 O O   . VAL A 1 2 ? 0.233  8.518   4.146  1.00 8.93  ? 2 VAL A O   1 
ATOM 13 C CB  . VAL A 1 2 ? 0.834  9.341   1.271  1.00 13.26 ? 2 VAL A CB  1 
ATOM 14 C CG1 . VAL A 1 2 ? 0.742  7.922   0.701  1.00 17.40 ? 2 VAL A CG1 1 
ATOM 15 C CG2 . VAL A 1 2 ? 0.941  10.355  0.123  1.00 16.10 ? 2 VAL A CG2 1 
ATOM 16 N N   . GLY A 1 3 ? -1.507 7.683   2.955  1.00 16.42 ? 3 GLY A N   1 
ATOM 17 C CA  . GLY A 1 3 ? -1.701 6.528   3.816  1.00 12.58 ? 3 GLY A CA  1 
ATOM 18 C C   . GLY A 1 3 ? -1.887 5.273   2.970  1.00 15.52 ? 3 GLY A C   1 
ATOM 19 O O   . GLY A 1 3 ? -2.475 5.319   1.847  1.00 16.55 ? 3 GLY A O   1 
ATOM 20 N N   . GLY A 1 4 ? -1.410 4.152   3.525  1.00 18.54 ? 4 GLY A N   1 
ATOM 21 C CA  . GLY A 1 4 ? -1.552 2.820   2.909  1.00 16.07 ? 4 GLY A CA  1 
ATOM 22 C C   . GLY A 1 4 ? -1.848 1.730   3.936  1.00 15.53 ? 4 GLY A C   1 
ATOM 23 O O   . GLY A 1 4 ? -1.294 1.758   5.013  1.00 15.55 ? 4 GLY A O   1 
ATOM 24 N N   . VAL A 1 5 ? -2.744 0.800   3.598  1.00 15.79 ? 5 VAL A N   1 
ATOM 25 C CA  . VAL A 1 5 ? -3.029 -0.384  4.427  1.00 19.25 ? 5 VAL A CA  1 
ATOM 26 C C   . VAL A 1 5 ? -3.010 -1.672  3.602  1.00 20.27 ? 5 VAL A C   1 
ATOM 27 O O   . VAL A 1 5 ? -3.655 -1.723  2.556  1.00 15.64 ? 5 VAL A O   1 
ATOM 28 C CB  . VAL A 1 5 ? -4.435 -0.293  5.038  1.00 16.87 ? 5 VAL A CB  1 
ATOM 29 C CG1 . VAL A 1 5 ? -4.673 -1.443  6.020  1.00 19.47 ? 5 VAL A CG1 1 
ATOM 30 C CG2 . VAL A 1 5 ? -4.610 1.035   5.757  1.00 23.64 ? 5 VAL A CG2 1 
ATOM 31 N N   . VAL A 1 6 ? -2.295 -2.702  4.075  1.00 22.28 ? 6 VAL A N   1 
ATOM 32 C CA  . VAL A 1 6 ? -2.306 -4.018  3.431  1.00 16.50 ? 6 VAL A CA  1 
ATOM 33 C C   . VAL A 1 6 ? -2.625 -5.074  4.506  1.00 18.32 ? 6 VAL A C   1 
ATOM 34 O O   . VAL A 1 6 ? -1.960 -5.228  5.535  1.00 16.00 ? 6 VAL A O   1 
ATOM 35 C CB  . VAL A 1 6 ? -0.980 -4.366  2.721  1.00 18.47 ? 6 VAL A CB  1 
ATOM 36 C CG1 . VAL A 1 6 ? -1.119 -5.692  2.025  1.00 15.91 ? 6 VAL A CG1 1 
ATOM 37 C CG2 . VAL A 1 6 ? -0.570 -3.262  1.713  1.00 16.99 ? 6 VAL A CG2 1 
ATOM 38 O OXT . VAL A 1 6 ? -3.591 -5.806  4.358  1.00 27.33 ? 6 VAL A OXT 1 
ATOM 39 N N   . MET B 1 1 ? 0.681  -12.666 -1.991 1.00 19.26 ? 1 MET B N   1 
ATOM 40 C CA  . MET B 1 1 ? 0.507  -11.546 -2.921 1.00 11.32 ? 1 MET B CA  1 
ATOM 41 C C   . MET B 1 1 ? 1.815  -10.811 -3.063 1.00 10.60 ? 1 MET B C   1 
ATOM 42 O O   . MET B 1 1 ? 2.678  -10.909 -2.194 1.00 18.25 ? 1 MET B O   1 
ATOM 43 C CB  . MET B 1 1 ? -0.572 -10.596 -2.422 1.00 19.94 ? 1 MET B CB  1 
ATOM 44 C CG  . MET B 1 1 ? -0.403 -10.167 -1.010 1.00 13.73 ? 1 MET B CG  1 
ATOM 45 S SD  . MET B 1 1 ? -1.281 -8.609  -0.646 1.00 27.70 ? 1 MET B SD  1 
ATOM 46 C CE  . MET B 1 1 ? -0.328 -7.462  -1.681 1.00 25.72 ? 1 MET B CE  1 
ATOM 47 N N   . VAL B 1 2 ? 1.953  -10.116 -4.176 1.00 15.10 ? 2 VAL B N   1 
ATOM 48 C CA  . VAL B 1 2 ? 3.109  -9.257  -4.423 1.00 7.91  ? 2 VAL B CA  1 
ATOM 49 C C   . VAL B 1 2 ? 2.488  -7.910  -4.822 1.00 14.49 ? 2 VAL B C   1 
ATOM 50 O O   . VAL B 1 2 ? 1.724  -7.807  -5.800 1.00 11.46 ? 2 VAL B O   1 
ATOM 51 C CB  . VAL B 1 2 ? 3.980  -9.826  -5.551 1.00 12.71 ? 2 VAL B CB  1 
ATOM 52 C CG1 . VAL B 1 2 ? 5.225  -8.922  -5.847 1.00 13.52 ? 2 VAL B CG1 1 
ATOM 53 C CG2 . VAL B 1 2 ? 4.374  -11.252 -5.250 1.00 20.92 ? 2 VAL B CG2 1 
ATOM 54 N N   . GLY B 1 3 ? 2.786  -6.884  -4.039 1.00 18.90 ? 3 GLY B N   1 
ATOM 55 C CA  . GLY B 1 3 ? 2.201  -5.568  -4.263 1.00 15.93 ? 3 GLY B CA  1 
ATOM 56 C C   . GLY B 1 3 ? 1.801  -4.907  -2.974 1.00 8.27  ? 3 GLY B C   1 
ATOM 57 O O   . GLY B 1 3 ? 2.424  -5.115  -1.899 1.00 14.18 ? 3 GLY B O   1 
ATOM 58 N N   . GLY B 1 4 ? 0.731  -4.135  -3.065 1.00 16.53 ? 4 GLY B N   1 
ATOM 59 C CA  . GLY B 1 4 ? 0.204  -3.383  -1.942 1.00 13.41 ? 4 GLY B CA  1 
ATOM 60 C C   . GLY B 1 4 ? -0.103 -1.981  -2.395 1.00 9.84  ? 4 GLY B C   1 
ATOM 61 O O   . GLY B 1 4 ? -0.812 -1.785  -3.373 1.00 19.62 ? 4 GLY B O   1 
ATOM 62 N N   . VAL B 1 5 ? 0.439  -1.005  -1.680 1.00 13.70 ? 5 VAL B N   1 
ATOM 63 C CA  . VAL B 1 5 ? 0.284  0.375   -2.054 1.00 6.73  ? 5 VAL B CA  1 
ATOM 64 C C   . VAL B 1 5 ? 1.681  0.839   -2.428 1.00 7.39  ? 5 VAL B C   1 
ATOM 65 O O   . VAL B 1 5 ? 2.568  0.826   -1.587 1.00 18.84 ? 5 VAL B O   1 
ATOM 66 C CB  . VAL B 1 5 ? -0.301 1.178   -0.907 1.00 14.34 ? 5 VAL B CB  1 
ATOM 67 C CG1 . VAL B 1 5 ? -0.559 2.578   -1.352 1.00 6.75  ? 5 VAL B CG1 1 
ATOM 68 C CG2 . VAL B 1 5 ? -1.586 0.493   -0.428 1.00 14.05 ? 5 VAL B CG2 1 
ATOM 69 N N   . VAL B 1 6 ? 1.874  1.205   -3.689 1.00 13.23 ? 6 VAL B N   1 
ATOM 70 C CA  . VAL B 1 6 ? 3.236  1.536   -4.205 1.00 12.21 ? 6 VAL B CA  1 
ATOM 71 C C   . VAL B 1 6 ? 3.212  2.809   -5.056 1.00 16.59 ? 6 VAL B C   1 
ATOM 72 O O   . VAL B 1 6 ? 2.364  2.979   -5.925 1.00 24.43 ? 6 VAL B O   1 
ATOM 73 C CB  . VAL B 1 6 ? 3.763  0.387   -5.070 1.00 21.27 ? 6 VAL B CB  1 
ATOM 74 C CG1 . VAL B 1 6 ? 5.235  0.584   -5.369 1.00 18.90 ? 6 VAL B CG1 1 
ATOM 75 C CG2 . VAL B 1 6 ? 3.503  -0.988  -4.373 1.00 19.43 ? 6 VAL B CG2 1 
ATOM 76 O OXT . VAL B 1 6 ? 4.063  3.682   -4.943 1.00 25.21 ? 6 VAL B OXT 1 
# 
